data_1OS1
#
_entry.id   1OS1
#
_cell.length_a   126.2
_cell.length_b   95.2
_cell.length_c   46.8
_cell.angle_alpha   90.
_cell.angle_beta   95.2
_cell.angle_gamma   90.
#
_symmetry.space_group_name_H-M   'C 1 2 1'
#
loop_
_entity.id
_entity.type
_entity.pdbx_description
1 polymer 'Phosphoenolpyruvate carboxykinase [ATP]'
2 non-polymer 'MAGNESIUM ION'
3 non-polymer 'CALCIUM ION'
4 non-polymer "ADENOSINE-5'-TRIPHOSPHATE"
5 non-polymer 'PYRUVIC ACID'
6 water water
#
_entity_poly.entity_id   1
_entity_poly.type   'polypeptide(L)'
_entity_poly.pdbx_seq_one_letter_code
;MRVNNGLTPQELEAYGISDVHDIVYNPSYDLLYQEELDPSLTGYERGVLTNLGAVAVDTGIFTGRSPKDKYIVRDDTTRD
TFWWADKGKGKNDNKPLSPETWQHLKGLVTRQLSGKRLFVVDAFCGANPDTRLSVRFITEVAWQAHFVKNMFIRPSDEEL
AGFKPDFIVMNGAKCTNPQWKEQGLNSENFVAFNLTERMQLIGGTWYGGEMKKGMFSMMNYLLPLKGIASMHCSANVGEK
GDVAVFFGLSGTGKTTLSTDPKRRLIGDDEHGWDDDGVFNFEGGCYAKTIKLSKEAEPEIYNAIRRDALLENVTVREDGT
IDFDDGSKTENTRVSYPIYHIDNIVKPVSKAGHATKVIFLTADAFGVLPPVSRLTADQTQYHFLSGFTAKLAGTERGITE
PTPTFSACFGAAFLSLHPTQYAEVLVKRMQAAGAQAYLVNTGWNGTGKRISIKDTRAIIDAILNGSLDNAETFTLPMFNL
AIPTELPGVDTKILDPRNTYASPEQWQEKAETLAKLFIDNFDKYTDTPAGAALVAAGPKL
;
_entity_poly.pdbx_strand_id   A
#
loop_
_chem_comp.id
_chem_comp.type
_chem_comp.name
_chem_comp.formula
ATP non-polymer ADENOSINE-5'-TRIPHOSPHATE 'C10 H16 N5 O13 P3'
CA non-polymer 'CALCIUM ION' 'Ca 2'
MG non-polymer 'MAGNESIUM ION' 'Mg 2'
PYR non-polymer 'PYRUVIC ACID' 'C3 H4 O3'
#
# COMPACT_ATOMS: atom_id res chain seq x y z
N ASN A 4 -6.32 34.29 -1.93
CA ASN A 4 -5.43 34.29 -0.73
C ASN A 4 -4.04 33.77 -1.03
N ASN A 5 -3.80 33.49 -2.32
CA ASN A 5 -2.54 33.01 -2.92
C ASN A 5 -2.81 31.84 -3.86
N GLY A 6 -2.77 32.11 -5.16
CA GLY A 6 -3.02 31.08 -6.15
C GLY A 6 -4.50 30.76 -6.31
N LEU A 7 -5.13 30.34 -5.22
CA LEU A 7 -6.54 30.00 -5.21
C LEU A 7 -7.31 31.14 -4.54
N THR A 8 -8.55 31.35 -4.97
CA THR A 8 -9.38 32.41 -4.39
C THR A 8 -10.17 31.83 -3.22
N PRO A 9 -10.31 32.61 -2.15
CA PRO A 9 -11.07 32.16 -0.97
C PRO A 9 -12.48 31.68 -1.31
N GLN A 10 -13.06 32.23 -2.38
CA GLN A 10 -14.40 31.88 -2.82
C GLN A 10 -14.53 30.50 -3.46
N GLU A 11 -13.42 29.96 -3.97
CA GLU A 11 -13.46 28.64 -4.60
C GLU A 11 -13.54 27.59 -3.50
N LEU A 12 -12.96 27.91 -2.34
CA LEU A 12 -13.00 27.02 -1.20
C LEU A 12 -14.37 27.09 -0.52
N GLU A 13 -15.03 28.23 -0.67
CA GLU A 13 -16.36 28.41 -0.10
C GLU A 13 -17.36 27.43 -0.71
N ALA A 14 -17.08 27.00 -1.94
CA ALA A 14 -17.93 26.05 -2.63
C ALA A 14 -17.92 24.72 -1.90
N TYR A 15 -16.82 24.44 -1.19
CA TYR A 15 -16.68 23.20 -0.42
C TYR A 15 -17.29 23.34 0.98
N GLY A 16 -17.69 24.57 1.33
CA GLY A 16 -18.29 24.82 2.63
C GLY A 16 -17.35 25.45 3.64
N ILE A 17 -16.13 25.75 3.23
CA ILE A 17 -15.14 26.37 4.13
C ILE A 17 -15.30 27.89 4.02
N SER A 18 -15.36 28.56 5.16
CA SER A 18 -15.52 30.01 5.17
C SER A 18 -14.39 30.74 5.87
N ASP A 19 -14.39 32.06 5.74
CA ASP A 19 -13.38 32.94 6.35
C ASP A 19 -11.95 32.42 6.27
N VAL A 20 -11.62 31.79 5.15
CA VAL A 20 -10.27 31.27 4.95
C VAL A 20 -9.31 32.45 4.86
N HIS A 21 -8.50 32.60 5.89
CA HIS A 21 -7.54 33.69 5.99
C HIS A 21 -6.44 33.74 4.95
N ASP A 22 -5.64 32.67 4.88
CA ASP A 22 -4.54 32.64 3.95
C ASP A 22 -4.40 31.27 3.31
N ILE A 23 -4.22 31.25 1.99
CA ILE A 23 -4.09 30.01 1.25
C ILE A 23 -2.64 29.83 0.81
N VAL A 24 -2.05 28.70 1.16
CA VAL A 24 -0.68 28.42 0.74
C VAL A 24 -0.85 27.35 -0.33
N TYR A 25 -0.89 27.76 -1.58
CA TYR A 25 -1.08 26.86 -2.71
C TYR A 25 0.20 26.20 -3.23
N ASN A 26 0.15 24.87 -3.42
CA ASN A 26 1.28 24.05 -3.88
C ASN A 26 2.61 24.59 -3.38
N PRO A 27 2.85 24.46 -2.08
CA PRO A 27 4.11 24.94 -1.49
C PRO A 27 5.32 24.19 -1.98
N SER A 28 6.43 24.92 -2.14
CA SER A 28 7.67 24.32 -2.57
C SER A 28 8.22 23.54 -1.39
N TYR A 29 9.24 22.72 -1.64
CA TYR A 29 9.86 21.94 -0.58
C TYR A 29 10.53 22.87 0.43
N ASP A 30 11.01 24.01 -0.06
CA ASP A 30 11.68 24.98 0.80
C ASP A 30 10.72 25.65 1.76
N LEU A 31 9.54 25.98 1.27
CA LEU A 31 8.53 26.61 2.11
C LEU A 31 8.07 25.58 3.15
N LEU A 32 7.91 24.33 2.74
CA LEU A 32 7.49 23.28 3.66
C LEU A 32 8.52 23.09 4.77
N TYR A 33 9.79 23.09 4.39
CA TYR A 33 10.88 22.93 5.35
C TYR A 33 10.81 24.03 6.42
N GLN A 34 10.62 25.26 5.96
CA GLN A 34 10.53 26.44 6.82
C GLN A 34 9.29 26.36 7.73
N GLU A 35 8.17 25.93 7.14
CA GLU A 35 6.90 25.77 7.83
C GLU A 35 6.96 24.77 8.98
N GLU A 36 7.57 23.61 8.72
CA GLU A 36 7.67 22.54 9.71
C GLU A 36 8.63 22.85 10.84
N LEU A 37 9.64 23.66 10.57
CA LEU A 37 10.62 24.00 11.58
C LEU A 37 10.31 25.28 12.36
N ASP A 38 9.13 25.85 12.12
CA ASP A 38 8.70 27.07 12.81
C ASP A 38 8.71 26.79 14.32
N PRO A 39 9.55 27.53 15.06
CA PRO A 39 9.72 27.41 16.52
C PRO A 39 8.44 27.54 17.35
N SER A 40 7.43 28.21 16.81
CA SER A 40 6.18 28.40 17.53
C SER A 40 5.17 27.27 17.35
N LEU A 41 5.52 26.24 16.59
CA LEU A 41 4.60 25.13 16.40
C LEU A 41 4.55 24.33 17.69
N THR A 42 3.38 23.78 17.99
CA THR A 42 3.21 23.00 19.20
C THR A 42 2.41 21.74 18.89
N GLY A 43 2.51 20.76 19.78
CA GLY A 43 1.77 19.52 19.60
C GLY A 43 2.29 18.63 18.48
N TYR A 44 1.37 18.04 17.74
CA TYR A 44 1.74 17.14 16.65
C TYR A 44 2.10 17.84 15.33
N GLU A 45 1.98 19.16 15.31
CA GLU A 45 2.32 19.93 14.11
C GLU A 45 3.84 20.11 14.03
N ARG A 46 4.50 19.98 15.18
CA ARG A 46 5.93 20.17 15.29
C ARG A 46 6.85 19.22 14.56
N GLY A 47 7.85 19.80 13.90
CA GLY A 47 8.83 19.02 13.17
C GLY A 47 10.18 19.19 13.84
N VAL A 48 10.99 18.13 13.78
CA VAL A 48 12.33 18.15 14.36
C VAL A 48 13.32 17.88 13.23
N LEU A 49 14.50 18.50 13.31
CA LEU A 49 15.51 18.29 12.29
C LEU A 49 16.46 17.19 12.76
N THR A 50 16.69 16.18 11.91
CA THR A 50 17.58 15.10 12.28
C THR A 50 18.97 15.31 11.66
N ASN A 51 19.95 14.53 12.09
CA ASN A 51 21.31 14.64 11.59
C ASN A 51 21.45 14.26 10.11
N LEU A 52 20.40 13.64 9.56
CA LEU A 52 20.40 13.26 8.16
C LEU A 52 19.83 14.35 7.26
N GLY A 53 19.38 15.44 7.88
CA GLY A 53 18.82 16.54 7.11
C GLY A 53 17.31 16.45 6.92
N ALA A 54 16.74 15.28 7.16
CA ALA A 54 15.30 15.12 7.00
C ALA A 54 14.58 15.57 8.27
N VAL A 55 13.36 16.06 8.11
CA VAL A 55 12.54 16.49 9.24
C VAL A 55 11.73 15.28 9.69
N ALA A 56 11.56 15.13 11.00
CA ALA A 56 10.79 14.02 11.56
C ALA A 56 9.58 14.56 12.34
N VAL A 57 8.46 13.83 12.23
CA VAL A 57 7.24 14.21 12.92
C VAL A 57 6.67 13.05 13.72
N ASP A 58 5.73 13.37 14.59
CA ASP A 58 5.04 12.44 15.48
C ASP A 58 3.57 12.53 15.04
N THR A 59 2.99 11.42 14.57
CA THR A 59 1.60 11.44 14.09
C THR A 59 0.56 11.27 15.18
N GLY A 60 1.00 11.31 16.43
CA GLY A 60 0.10 11.17 17.55
C GLY A 60 -0.23 9.74 17.90
N ILE A 61 -1.48 9.55 18.32
CA ILE A 61 -2.01 8.26 18.73
C ILE A 61 -2.03 7.26 17.57
N PHE A 62 -2.46 7.74 16.40
CA PHE A 62 -2.55 6.90 15.23
C PHE A 62 -1.26 6.77 14.48
N THR A 63 -0.65 5.60 14.62
CA THR A 63 0.61 5.28 13.96
C THR A 63 0.36 4.28 12.86
N GLY A 64 -0.89 4.16 12.44
CA GLY A 64 -1.25 3.24 11.40
C GLY A 64 -2.69 3.51 10.98
N ARG A 65 -3.18 2.72 10.02
CA ARG A 65 -4.54 2.86 9.54
C ARG A 65 -5.57 2.38 10.57
N SER A 66 -6.77 2.94 10.47
CA SER A 66 -7.86 2.60 11.37
C SER A 66 -9.00 2.08 10.50
N PRO A 67 -8.92 0.81 10.09
CA PRO A 67 -9.93 0.15 9.25
C PRO A 67 -11.34 0.25 9.82
N LYS A 68 -11.45 0.22 11.14
CA LYS A 68 -12.74 0.29 11.83
C LYS A 68 -13.45 1.63 11.72
N ASP A 69 -12.73 2.67 11.32
CA ASP A 69 -13.29 4.00 11.17
C ASP A 69 -13.53 4.39 9.70
N LYS A 70 -13.42 3.40 8.81
CA LYS A 70 -13.61 3.60 7.38
C LYS A 70 -15.07 3.39 6.95
N TYR A 71 -15.66 4.41 6.35
CA TYR A 71 -17.05 4.37 5.90
C TYR A 71 -17.20 4.93 4.50
N ILE A 72 -18.12 4.35 3.73
CA ILE A 72 -18.41 4.81 2.38
C ILE A 72 -19.89 5.07 2.34
N VAL A 73 -20.28 6.24 1.84
CA VAL A 73 -21.69 6.60 1.75
C VAL A 73 -22.45 5.71 0.77
N ARG A 74 -23.53 5.10 1.25
CA ARG A 74 -24.35 4.27 0.39
C ARG A 74 -25.47 5.15 -0.14
N ASP A 75 -25.41 5.41 -1.44
CA ASP A 75 -26.38 6.22 -2.14
C ASP A 75 -26.61 5.60 -3.51
N ASP A 76 -27.27 6.31 -4.41
CA ASP A 76 -27.54 5.77 -5.74
C ASP A 76 -26.35 5.49 -6.65
N THR A 77 -25.19 6.01 -6.28
CA THR A 77 -23.97 5.80 -7.06
C THR A 77 -23.24 4.52 -6.64
N THR A 78 -23.16 4.28 -5.34
CA THR A 78 -22.43 3.13 -4.82
C THR A 78 -23.24 1.90 -4.43
N ARG A 79 -24.55 2.06 -4.27
CA ARG A 79 -25.43 0.98 -3.83
C ARG A 79 -25.20 -0.40 -4.45
N ASP A 80 -25.35 -0.46 -5.76
CA ASP A 80 -25.23 -1.71 -6.49
C ASP A 80 -23.85 -2.06 -7.05
N THR A 81 -22.85 -1.21 -6.82
CA THR A 81 -21.52 -1.48 -7.35
C THR A 81 -20.46 -1.82 -6.32
N PHE A 82 -20.56 -1.24 -5.13
CA PHE A 82 -19.59 -1.47 -4.07
C PHE A 82 -19.69 -2.82 -3.40
N TRP A 83 -18.55 -3.30 -2.88
CA TRP A 83 -18.45 -4.56 -2.14
C TRP A 83 -18.69 -4.16 -0.67
N TRP A 84 -19.96 -4.10 -0.29
CA TRP A 84 -20.35 -3.70 1.06
C TRP A 84 -20.06 -4.75 2.10
N ALA A 85 -19.59 -4.30 3.26
CA ALA A 85 -19.25 -5.19 4.37
C ALA A 85 -20.45 -5.92 4.95
N ASP A 86 -21.63 -5.33 4.82
CA ASP A 86 -22.85 -5.91 5.37
C ASP A 86 -23.67 -6.71 4.37
N LYS A 87 -23.09 -7.02 3.21
CA LYS A 87 -23.83 -7.78 2.22
C LYS A 87 -23.41 -9.25 2.17
N GLY A 88 -23.22 -9.80 0.98
CA GLY A 88 -22.86 -11.19 0.87
C GLY A 88 -21.50 -11.53 1.44
N LYS A 89 -21.21 -12.84 1.48
CA LYS A 89 -19.94 -13.37 1.98
C LYS A 89 -18.80 -12.43 1.59
N GLY A 90 -18.16 -11.86 2.60
CA GLY A 90 -17.08 -10.94 2.35
C GLY A 90 -16.64 -10.11 3.53
N LYS A 91 -15.62 -10.61 4.22
CA LYS A 91 -15.03 -9.90 5.34
C LYS A 91 -14.37 -8.63 4.75
N ASN A 92 -14.89 -7.45 5.06
CA ASN A 92 -14.31 -6.22 4.53
C ASN A 92 -14.62 -4.96 5.33
N ASP A 93 -13.86 -3.89 5.07
CA ASP A 93 -14.02 -2.63 5.79
C ASP A 93 -14.93 -1.59 5.14
N ASN A 94 -15.66 -1.98 4.10
CA ASN A 94 -16.55 -1.06 3.39
C ASN A 94 -17.88 -0.91 4.10
N LYS A 95 -17.85 -0.29 5.27
CA LYS A 95 -19.06 -0.07 6.08
C LYS A 95 -19.91 1.07 5.50
N PRO A 96 -21.23 0.82 5.28
CA PRO A 96 -22.13 1.83 4.73
C PRO A 96 -22.38 3.02 5.66
N LEU A 97 -22.54 4.20 5.05
CA LEU A 97 -22.78 5.44 5.78
C LEU A 97 -23.94 6.16 5.14
N SER A 98 -24.75 6.82 5.95
CA SER A 98 -25.90 7.56 5.45
C SER A 98 -25.48 8.93 4.93
N PRO A 99 -26.19 9.44 3.89
CA PRO A 99 -25.85 10.77 3.36
C PRO A 99 -26.03 11.80 4.48
N GLU A 100 -26.98 11.51 5.37
CA GLU A 100 -27.26 12.39 6.52
C GLU A 100 -26.06 12.50 7.47
N THR A 101 -25.57 11.36 7.94
CA THR A 101 -24.43 11.32 8.84
C THR A 101 -23.20 11.91 8.14
N TRP A 102 -23.10 11.68 6.84
CA TRP A 102 -22.00 12.23 6.05
C TRP A 102 -22.05 13.75 6.13
N GLN A 103 -23.23 14.33 5.94
CA GLN A 103 -23.38 15.78 6.00
C GLN A 103 -23.00 16.35 7.36
N HIS A 104 -23.22 15.57 8.41
CA HIS A 104 -22.84 15.98 9.74
C HIS A 104 -21.32 15.99 9.84
N LEU A 105 -20.67 14.94 9.32
CA LEU A 105 -19.22 14.84 9.37
C LEU A 105 -18.58 15.97 8.56
N LYS A 106 -19.16 16.26 7.40
CA LYS A 106 -18.66 17.31 6.52
C LYS A 106 -18.73 18.66 7.24
N GLY A 107 -19.81 18.85 8.01
CA GLY A 107 -19.99 20.08 8.77
C GLY A 107 -18.90 20.26 9.80
N LEU A 108 -18.50 19.16 10.43
CA LEU A 108 -17.44 19.19 11.43
C LEU A 108 -16.10 19.57 10.80
N VAL A 109 -15.78 18.96 9.67
CA VAL A 109 -14.51 19.23 9.01
C VAL A 109 -14.43 20.63 8.40
N THR A 110 -15.48 21.09 7.73
CA THR A 110 -15.48 22.43 7.14
C THR A 110 -15.46 23.53 8.20
N ARG A 111 -16.12 23.28 9.33
CA ARG A 111 -16.14 24.24 10.42
C ARG A 111 -14.72 24.34 10.97
N GLN A 112 -14.07 23.19 11.13
CA GLN A 112 -12.70 23.10 11.63
C GLN A 112 -11.70 23.82 10.73
N LEU A 113 -11.88 23.70 9.42
CA LEU A 113 -10.97 24.33 8.47
C LEU A 113 -11.30 25.79 8.19
N SER A 114 -12.43 26.25 8.71
CA SER A 114 -12.86 27.62 8.53
C SER A 114 -12.10 28.61 9.40
N GLY A 115 -11.93 29.82 8.88
CA GLY A 115 -11.25 30.87 9.62
C GLY A 115 -9.77 30.69 9.89
N LYS A 116 -9.06 29.96 9.05
CA LYS A 116 -7.63 29.79 9.27
C LYS A 116 -6.78 29.76 8.00
N ARG A 117 -5.49 29.56 8.18
CA ARG A 117 -4.53 29.48 7.08
C ARG A 117 -4.51 28.04 6.60
N LEU A 118 -4.81 27.83 5.33
CA LEU A 118 -4.84 26.47 4.79
C LEU A 118 -3.76 26.17 3.77
N PHE A 119 -3.38 24.90 3.71
CA PHE A 119 -2.41 24.41 2.74
C PHE A 119 -3.23 23.56 1.74
N VAL A 120 -3.21 23.96 0.48
CA VAL A 120 -3.93 23.21 -0.53
C VAL A 120 -2.94 22.74 -1.60
N VAL A 121 -2.90 21.42 -1.78
CA VAL A 121 -2.00 20.81 -2.72
C VAL A 121 -2.79 20.11 -3.83
N ASP A 122 -2.54 20.52 -5.07
CA ASP A 122 -3.18 19.93 -6.23
C ASP A 122 -2.19 18.91 -6.78
N ALA A 123 -2.68 17.69 -7.03
CA ALA A 123 -1.79 16.63 -7.52
C ALA A 123 -2.54 15.61 -8.34
N PHE A 124 -1.82 14.66 -8.93
CA PHE A 124 -2.46 13.63 -9.73
C PHE A 124 -2.26 12.26 -9.08
N CYS A 125 -3.23 11.37 -9.30
CA CYS A 125 -3.12 10.00 -8.80
C CYS A 125 -3.22 9.22 -10.12
N GLY A 126 -2.11 8.65 -10.54
CA GLY A 126 -2.09 7.93 -11.81
C GLY A 126 -1.19 8.66 -12.80
N ALA A 127 -0.16 7.97 -13.28
CA ALA A 127 0.79 8.52 -14.22
C ALA A 127 0.23 8.80 -15.61
N ASN A 128 -0.84 8.09 -16.00
CA ASN A 128 -1.43 8.29 -17.32
C ASN A 128 -2.56 9.31 -17.34
N PRO A 129 -2.46 10.30 -18.24
CA PRO A 129 -3.44 11.38 -18.41
C PRO A 129 -4.87 10.93 -18.61
N ASP A 130 -5.06 9.81 -19.28
CA ASP A 130 -6.41 9.31 -19.55
C ASP A 130 -7.19 8.67 -18.39
N THR A 131 -6.51 8.15 -17.38
CA THR A 131 -7.22 7.51 -16.27
C THR A 131 -6.88 8.10 -14.91
N ARG A 132 -6.04 9.12 -14.89
CA ARG A 132 -5.64 9.73 -13.62
C ARG A 132 -6.72 10.60 -12.97
N LEU A 133 -6.62 10.70 -11.65
CA LEU A 133 -7.53 11.52 -10.88
C LEU A 133 -6.78 12.79 -10.51
N SER A 134 -7.41 13.93 -10.71
CA SER A 134 -6.79 15.20 -10.32
C SER A 134 -7.36 15.38 -8.91
N VAL A 135 -6.50 15.34 -7.91
CA VAL A 135 -6.96 15.44 -6.54
C VAL A 135 -6.53 16.73 -5.85
N ARG A 136 -7.44 17.31 -5.09
CA ARG A 136 -7.13 18.53 -4.35
C ARG A 136 -7.15 18.17 -2.86
N PHE A 137 -6.03 18.40 -2.17
CA PHE A 137 -5.90 18.11 -0.73
C PHE A 137 -5.90 19.42 0.05
N ILE A 138 -6.67 19.46 1.14
CA ILE A 138 -6.77 20.65 1.99
C ILE A 138 -6.41 20.23 3.42
N THR A 139 -5.43 20.91 4.01
CA THR A 139 -4.97 20.60 5.36
C THR A 139 -4.58 21.90 6.07
N GLU A 140 -4.52 21.87 7.39
CA GLU A 140 -4.12 23.06 8.14
C GLU A 140 -2.78 22.77 8.80
N VAL A 141 -2.25 21.58 8.50
CA VAL A 141 -0.98 21.12 9.03
C VAL A 141 0.04 20.97 7.89
N ALA A 142 1.13 21.73 7.99
CA ALA A 142 2.19 21.74 6.97
C ALA A 142 2.75 20.37 6.61
N TRP A 143 3.13 19.56 7.60
CA TRP A 143 3.68 18.25 7.29
C TRP A 143 2.73 17.32 6.55
N GLN A 144 1.42 17.59 6.65
CA GLN A 144 0.43 16.77 5.96
C GLN A 144 0.45 17.12 4.47
N ALA A 145 0.59 18.42 4.19
CA ALA A 145 0.69 18.88 2.80
C ALA A 145 1.98 18.29 2.22
N HIS A 146 3.03 18.32 3.02
CA HIS A 146 4.32 17.77 2.61
C HIS A 146 4.17 16.29 2.23
N PHE A 147 3.43 15.53 3.05
CA PHE A 147 3.21 14.10 2.80
C PHE A 147 2.55 13.86 1.44
N VAL A 148 1.48 14.60 1.14
CA VAL A 148 0.81 14.42 -0.14
C VAL A 148 1.64 14.93 -1.32
N LYS A 149 2.53 15.89 -1.07
CA LYS A 149 3.41 16.43 -2.12
C LYS A 149 4.42 15.32 -2.51
N ASN A 150 4.89 14.59 -1.51
CA ASN A 150 5.83 13.49 -1.70
C ASN A 150 5.18 12.29 -2.38
N MET A 151 4.01 11.90 -1.88
CA MET A 151 3.31 10.72 -2.36
C MET A 151 2.55 10.77 -3.68
N PHE A 152 2.01 11.93 -4.03
CA PHE A 152 1.26 12.02 -5.26
C PHE A 152 2.08 12.63 -6.37
N ILE A 153 1.56 12.53 -7.58
CA ILE A 153 2.26 13.05 -8.75
C ILE A 153 2.17 14.57 -8.82
N ARG A 154 3.33 15.19 -8.64
CA ARG A 154 3.47 16.64 -8.66
C ARG A 154 3.29 17.23 -10.07
N PRO A 155 2.24 18.05 -10.27
CA PRO A 155 1.96 18.67 -11.57
C PRO A 155 2.97 19.77 -11.94
N SER A 156 3.12 19.98 -13.25
CA SER A 156 4.00 21.00 -13.77
C SER A 156 3.22 22.32 -13.68
N ASP A 157 3.92 23.44 -13.86
CA ASP A 157 3.29 24.77 -13.79
C ASP A 157 2.19 24.90 -14.83
N GLU A 158 2.42 24.35 -16.02
CA GLU A 158 1.43 24.45 -17.07
C GLU A 158 0.25 23.52 -16.82
N GLU A 159 0.48 22.44 -16.07
CA GLU A 159 -0.60 21.50 -15.75
C GLU A 159 -1.51 22.11 -14.69
N LEU A 160 -0.91 22.84 -13.76
CA LEU A 160 -1.66 23.52 -12.71
C LEU A 160 -2.54 24.62 -13.28
N ALA A 161 -2.15 25.15 -14.44
CA ALA A 161 -2.89 26.21 -15.12
C ALA A 161 -4.35 25.84 -15.42
N GLY A 162 -4.57 24.63 -15.93
CA GLY A 162 -5.92 24.19 -16.23
C GLY A 162 -6.31 22.97 -15.41
N PHE A 163 -5.89 22.97 -14.15
CA PHE A 163 -6.17 21.88 -13.23
C PHE A 163 -7.62 21.97 -12.68
N LYS A 164 -8.38 20.89 -12.88
CA LYS A 164 -9.77 20.80 -12.41
C LYS A 164 -9.82 19.57 -11.51
N PRO A 165 -10.08 19.74 -10.20
CA PRO A 165 -10.13 18.60 -9.29
C PRO A 165 -11.26 17.62 -9.59
N ASP A 166 -10.93 16.34 -9.59
CA ASP A 166 -11.90 15.28 -9.81
C ASP A 166 -12.33 14.83 -8.42
N PHE A 167 -11.41 14.92 -7.48
CA PHE A 167 -11.68 14.48 -6.13
C PHE A 167 -11.07 15.48 -5.14
N ILE A 168 -11.75 15.69 -4.02
CA ILE A 168 -11.29 16.60 -2.96
C ILE A 168 -11.15 15.82 -1.65
N VAL A 169 -9.99 15.98 -1.01
CA VAL A 169 -9.69 15.29 0.23
C VAL A 169 -9.52 16.39 1.28
N MET A 170 -10.40 16.39 2.28
CA MET A 170 -10.33 17.38 3.37
C MET A 170 -9.85 16.72 4.66
N ASN A 171 -8.66 17.11 5.09
CA ASN A 171 -8.08 16.55 6.29
C ASN A 171 -8.35 17.39 7.54
N GLY A 172 -9.35 16.97 8.32
CA GLY A 172 -9.70 17.67 9.55
C GLY A 172 -9.24 16.86 10.75
N ALA A 173 -7.98 16.43 10.71
CA ALA A 173 -7.39 15.64 11.80
C ALA A 173 -7.62 16.19 13.21
N LYS A 174 -7.67 17.51 13.34
CA LYS A 174 -7.85 18.16 14.63
C LYS A 174 -9.24 18.06 15.26
N CYS A 175 -10.26 17.72 14.47
CA CYS A 175 -11.61 17.61 15.02
C CYS A 175 -12.04 16.15 15.17
N THR A 176 -13.05 15.93 16.01
CA THR A 176 -13.60 14.60 16.25
C THR A 176 -15.13 14.71 16.23
N ASN A 177 -15.82 13.57 16.13
CA ASN A 177 -17.27 13.55 16.09
C ASN A 177 -17.83 13.11 17.45
N PRO A 178 -18.33 14.07 18.25
CA PRO A 178 -18.87 13.70 19.55
C PRO A 178 -20.23 12.99 19.53
N GLN A 179 -20.92 13.00 18.39
CA GLN A 179 -22.23 12.35 18.26
C GLN A 179 -22.15 10.90 17.75
N TRP A 180 -20.93 10.37 17.68
CA TRP A 180 -20.72 9.03 17.16
C TRP A 180 -21.57 7.88 17.73
N LYS A 181 -21.70 7.80 19.06
CA LYS A 181 -22.51 6.74 19.69
C LYS A 181 -23.92 6.81 19.18
N GLU A 182 -24.42 8.04 19.09
CA GLU A 182 -25.76 8.29 18.64
C GLU A 182 -25.96 7.96 17.17
N GLN A 183 -24.87 8.00 16.41
CA GLN A 183 -24.95 7.75 14.98
C GLN A 183 -24.57 6.35 14.52
N GLY A 184 -24.23 5.48 15.47
CA GLY A 184 -23.86 4.11 15.14
C GLY A 184 -22.48 3.94 14.50
N LEU A 185 -21.56 4.82 14.85
CA LEU A 185 -20.22 4.77 14.31
C LEU A 185 -19.31 4.07 15.30
N ASN A 186 -18.16 3.61 14.83
CA ASN A 186 -17.18 2.91 15.64
C ASN A 186 -16.55 3.78 16.73
N SER A 187 -16.18 5.01 16.38
CA SER A 187 -15.56 5.92 17.36
C SER A 187 -15.78 7.37 16.94
N GLU A 188 -15.12 8.28 17.65
CA GLU A 188 -15.21 9.70 17.34
C GLU A 188 -14.32 10.07 16.14
N ASN A 189 -13.55 9.11 15.65
CA ASN A 189 -12.67 9.35 14.51
C ASN A 189 -13.39 8.89 13.27
N PHE A 190 -12.91 9.29 12.11
CA PHE A 190 -13.56 8.89 10.87
C PHE A 190 -12.74 9.11 9.62
N VAL A 191 -12.89 8.19 8.68
CA VAL A 191 -12.26 8.24 7.37
C VAL A 191 -13.45 7.90 6.48
N ALA A 192 -14.14 8.93 5.99
CA ALA A 192 -15.34 8.74 5.18
C ALA A 192 -15.19 9.13 3.72
N PHE A 193 -15.87 8.38 2.84
CA PHE A 193 -15.84 8.63 1.41
C PHE A 193 -17.24 8.79 0.86
N ASN A 194 -17.40 9.73 -0.07
CA ASN A 194 -18.68 9.95 -0.71
C ASN A 194 -18.39 10.08 -2.21
N LEU A 195 -18.81 9.08 -2.98
CA LEU A 195 -18.57 9.06 -4.42
C LEU A 195 -19.45 9.97 -5.26
N THR A 196 -20.57 10.44 -4.70
CA THR A 196 -21.44 11.37 -5.44
C THR A 196 -20.81 12.75 -5.31
N GLU A 197 -20.35 13.08 -4.11
CA GLU A 197 -19.71 14.37 -3.86
C GLU A 197 -18.22 14.33 -4.24
N ARG A 198 -17.69 13.12 -4.44
CA ARG A 198 -16.28 12.91 -4.80
C ARG A 198 -15.35 13.53 -3.76
N MET A 199 -15.58 13.18 -2.50
CA MET A 199 -14.79 13.71 -1.41
C MET A 199 -14.45 12.66 -0.38
N GLN A 200 -13.37 12.92 0.35
CA GLN A 200 -12.92 12.07 1.45
C GLN A 200 -12.73 13.01 2.63
N LEU A 201 -13.24 12.62 3.79
CA LEU A 201 -13.12 13.41 5.02
C LEU A 201 -12.34 12.58 6.04
N ILE A 202 -11.40 13.23 6.72
CA ILE A 202 -10.59 12.58 7.73
C ILE A 202 -10.70 13.40 9.01
N GLY A 203 -11.05 12.72 10.10
CA GLY A 203 -11.18 13.40 11.38
C GLY A 203 -10.62 12.55 12.50
N GLY A 204 -9.87 13.19 13.40
CA GLY A 204 -9.29 12.51 14.53
C GLY A 204 -7.92 11.90 14.33
N THR A 205 -7.73 11.20 13.22
CA THR A 205 -6.46 10.56 12.93
C THR A 205 -5.53 11.45 12.08
N TRP A 206 -4.29 11.59 12.56
CA TRP A 206 -3.26 12.38 11.89
C TRP A 206 -2.46 11.56 10.89
N TYR A 207 -2.52 10.24 11.03
CA TYR A 207 -1.79 9.32 10.16
C TYR A 207 -1.93 9.60 8.67
N GLY A 208 -0.81 9.99 8.06
CA GLY A 208 -0.79 10.29 6.64
C GLY A 208 -1.23 9.16 5.72
N GLY A 209 -1.00 7.92 6.14
CA GLY A 209 -1.39 6.77 5.35
C GLY A 209 -2.85 6.74 4.92
N GLU A 210 -3.73 7.40 5.69
CA GLU A 210 -5.15 7.43 5.37
C GLU A 210 -5.46 8.13 4.04
N MET A 211 -4.72 9.18 3.72
CA MET A 211 -4.92 9.91 2.47
C MET A 211 -4.39 9.07 1.30
N LYS A 212 -3.19 8.50 1.49
CA LYS A 212 -2.55 7.65 0.51
C LYS A 212 -3.45 6.45 0.13
N LYS A 213 -3.84 5.66 1.13
CA LYS A 213 -4.69 4.50 0.90
C LYS A 213 -6.14 4.82 0.57
N GLY A 214 -6.57 6.02 0.95
CA GLY A 214 -7.92 6.44 0.63
C GLY A 214 -8.05 6.61 -0.87
N MET A 215 -7.10 7.29 -1.49
CA MET A 215 -7.11 7.46 -2.95
C MET A 215 -6.87 6.13 -3.67
N PHE A 216 -6.08 5.23 -3.07
CA PHE A 216 -5.85 3.91 -3.66
C PHE A 216 -7.20 3.18 -3.71
N SER A 217 -7.97 3.29 -2.63
CA SER A 217 -9.30 2.68 -2.56
C SER A 217 -10.20 3.23 -3.68
N MET A 218 -10.08 4.52 -3.99
CA MET A 218 -10.88 5.10 -5.06
C MET A 218 -10.43 4.58 -6.43
N MET A 219 -9.12 4.49 -6.65
CA MET A 219 -8.60 3.96 -7.92
C MET A 219 -9.06 2.50 -8.08
N ASN A 220 -9.10 1.76 -6.97
CA ASN A 220 -9.52 0.37 -6.94
C ASN A 220 -10.99 0.23 -7.30
N TYR A 221 -11.74 1.31 -7.20
CA TYR A 221 -13.15 1.29 -7.55
C TYR A 221 -13.35 1.60 -9.04
N LEU A 222 -12.71 2.68 -9.49
CA LEU A 222 -12.83 3.17 -10.86
C LEU A 222 -12.13 2.41 -11.99
N LEU A 223 -10.87 2.02 -11.79
CA LEU A 223 -10.13 1.35 -12.85
C LEU A 223 -10.65 -0.02 -13.33
N PRO A 224 -10.90 -0.99 -12.42
CA PRO A 224 -11.38 -2.30 -12.89
C PRO A 224 -12.71 -2.18 -13.66
N LEU A 225 -13.49 -1.16 -13.33
CA LEU A 225 -14.77 -0.92 -14.00
C LEU A 225 -14.58 -0.62 -15.48
N LYS A 226 -13.38 -0.20 -15.86
CA LYS A 226 -13.11 0.08 -17.26
C LYS A 226 -12.07 -0.88 -17.84
N GLY A 227 -11.94 -2.05 -17.20
CA GLY A 227 -11.02 -3.06 -17.66
C GLY A 227 -9.54 -2.88 -17.37
N ILE A 228 -9.20 -1.97 -16.45
CA ILE A 228 -7.81 -1.71 -16.10
C ILE A 228 -7.52 -2.31 -14.73
N ALA A 229 -6.48 -3.12 -14.63
CA ALA A 229 -6.15 -3.73 -13.35
C ALA A 229 -5.58 -2.66 -12.41
N SER A 230 -5.99 -2.74 -11.15
CA SER A 230 -5.52 -1.83 -10.11
C SER A 230 -4.86 -2.77 -9.13
N MET A 231 -3.55 -2.60 -8.93
CA MET A 231 -2.78 -3.52 -8.12
C MET A 231 -2.00 -2.97 -6.93
N HIS A 232 -1.92 -3.80 -5.90
CA HIS A 232 -1.20 -3.47 -4.70
C HIS A 232 0.13 -4.20 -4.86
N CYS A 233 1.03 -3.56 -5.61
CA CYS A 233 2.31 -4.16 -5.92
C CYS A 233 3.37 -3.11 -6.19
N SER A 234 4.63 -3.56 -6.11
CA SER A 234 5.78 -2.75 -6.44
C SER A 234 6.09 -3.19 -7.88
N ALA A 235 6.93 -2.45 -8.59
CA ALA A 235 7.24 -2.81 -9.97
C ALA A 235 8.54 -2.16 -10.45
N ASN A 236 9.31 -2.89 -11.25
CA ASN A 236 10.55 -2.39 -11.82
C ASN A 236 10.80 -2.96 -13.21
N VAL A 237 11.70 -2.33 -13.95
CA VAL A 237 12.03 -2.77 -15.31
C VAL A 237 13.52 -3.01 -15.45
N GLY A 238 13.86 -4.08 -16.15
CA GLY A 238 15.27 -4.37 -16.40
C GLY A 238 15.64 -3.59 -17.65
N GLU A 239 16.93 -3.50 -17.96
CA GLU A 239 17.38 -2.76 -19.14
C GLU A 239 16.86 -3.37 -20.45
N LYS A 240 16.50 -4.65 -20.41
CA LYS A 240 15.96 -5.32 -21.59
C LYS A 240 14.46 -5.07 -21.74
N GLY A 241 13.93 -4.13 -20.96
CA GLY A 241 12.52 -3.79 -21.03
C GLY A 241 11.55 -4.75 -20.36
N ASP A 242 12.09 -5.73 -19.63
CA ASP A 242 11.26 -6.71 -18.93
C ASP A 242 10.72 -6.19 -17.60
N VAL A 243 9.40 -6.16 -17.49
CA VAL A 243 8.73 -5.67 -16.28
C VAL A 243 8.35 -6.77 -15.31
N ALA A 244 8.56 -6.52 -14.02
CA ALA A 244 8.20 -7.47 -12.97
C ALA A 244 7.34 -6.72 -11.94
N VAL A 245 6.29 -7.38 -11.45
CA VAL A 245 5.39 -6.82 -10.42
C VAL A 245 5.43 -7.71 -9.18
N PHE A 246 5.51 -7.08 -8.01
CA PHE A 246 5.60 -7.76 -6.74
C PHE A 246 4.39 -7.44 -5.86
N PHE A 247 3.49 -8.41 -5.72
CA PHE A 247 2.29 -8.24 -4.89
C PHE A 247 2.57 -8.56 -3.42
N GLY A 248 1.86 -7.88 -2.53
CA GLY A 248 2.07 -8.17 -1.12
C GLY A 248 1.46 -7.17 -0.16
N LEU A 249 1.33 -7.63 1.08
CA LEU A 249 0.79 -6.83 2.16
C LEU A 249 1.88 -5.96 2.78
N SER A 250 1.52 -5.32 3.87
CA SER A 250 2.43 -4.44 4.59
C SER A 250 3.60 -5.26 5.13
N GLY A 251 4.81 -4.73 4.93
CA GLY A 251 6.03 -5.38 5.41
C GLY A 251 6.48 -6.71 4.83
N THR A 252 5.94 -7.12 3.68
CA THR A 252 6.35 -8.39 3.10
C THR A 252 7.49 -8.35 2.09
N GLY A 253 7.99 -7.15 1.78
CA GLY A 253 9.10 -7.05 0.85
C GLY A 253 8.91 -6.27 -0.44
N LYS A 254 7.72 -5.72 -0.67
CA LYS A 254 7.47 -4.97 -1.90
C LYS A 254 8.47 -3.86 -2.12
N THR A 255 8.67 -3.06 -1.08
CA THR A 255 9.58 -1.94 -1.16
C THR A 255 11.05 -2.36 -1.23
N THR A 256 11.48 -3.20 -0.28
CA THR A 256 12.88 -3.63 -0.24
C THR A 256 13.33 -4.42 -1.46
N LEU A 257 12.48 -5.32 -1.97
CA LEU A 257 12.83 -6.14 -3.11
C LEU A 257 12.72 -5.46 -4.48
N SER A 258 11.92 -4.40 -4.61
CA SER A 258 11.81 -3.72 -5.90
C SER A 258 12.93 -2.70 -6.06
N THR A 259 13.53 -2.29 -4.95
CA THR A 259 14.63 -1.34 -4.98
C THR A 259 15.91 -2.16 -5.15
N ASP A 260 16.23 -2.36 -6.42
CA ASP A 260 17.38 -3.14 -6.88
C ASP A 260 18.12 -2.26 -7.90
N PRO A 261 19.43 -1.98 -7.64
CA PRO A 261 20.30 -1.16 -8.51
C PRO A 261 20.40 -1.57 -9.99
N LYS A 262 20.19 -2.85 -10.27
CA LYS A 262 20.27 -3.37 -11.64
C LYS A 262 18.98 -3.15 -12.43
N ARG A 263 17.93 -2.67 -11.74
CA ARG A 263 16.64 -2.46 -12.40
C ARG A 263 16.15 -1.05 -12.15
N ARG A 264 15.37 -0.52 -13.08
CA ARG A 264 14.80 0.82 -12.94
C ARG A 264 13.46 0.69 -12.23
N LEU A 265 13.35 1.34 -11.08
CA LEU A 265 12.14 1.33 -10.27
C LEU A 265 11.01 2.12 -10.93
N ILE A 266 9.82 1.51 -10.98
CA ILE A 266 8.63 2.14 -11.53
C ILE A 266 7.84 2.72 -10.35
N GLY A 267 7.70 1.93 -9.28
CA GLY A 267 6.97 2.36 -8.11
C GLY A 267 7.08 1.28 -7.05
N ASP A 268 6.74 1.59 -5.80
CA ASP A 268 6.86 0.61 -4.75
C ASP A 268 5.56 0.14 -4.08
N ASP A 269 4.41 0.61 -4.54
CA ASP A 269 3.19 0.22 -3.84
C ASP A 269 1.85 0.06 -4.56
N GLU A 270 1.56 0.93 -5.51
CA GLU A 270 0.28 0.91 -6.22
C GLU A 270 0.48 1.11 -7.70
N HIS A 271 -0.06 0.20 -8.50
CA HIS A 271 0.09 0.27 -9.95
C HIS A 271 -1.17 -0.16 -10.68
N GLY A 272 -1.32 0.34 -11.89
CA GLY A 272 -2.45 -0.01 -12.73
C GLY A 272 -1.88 -0.77 -13.92
N TRP A 273 -2.73 -1.44 -14.67
CA TRP A 273 -2.29 -2.20 -15.83
C TRP A 273 -3.33 -2.05 -16.94
N ASP A 274 -2.99 -1.25 -17.94
CA ASP A 274 -3.88 -1.04 -19.07
C ASP A 274 -3.33 -1.64 -20.35
N ASP A 275 -3.91 -1.26 -21.48
CA ASP A 275 -3.48 -1.77 -22.76
C ASP A 275 -2.02 -1.46 -23.10
N ASP A 276 -1.48 -0.38 -22.55
CA ASP A 276 -0.09 0.00 -22.82
C ASP A 276 0.92 -0.62 -21.89
N GLY A 277 0.51 -0.91 -20.64
CA GLY A 277 1.42 -1.51 -19.70
C GLY A 277 1.14 -1.11 -18.27
N VAL A 278 2.14 -1.28 -17.41
CA VAL A 278 2.04 -0.98 -15.98
C VAL A 278 2.43 0.47 -15.66
N PHE A 279 1.57 1.17 -14.92
CA PHE A 279 1.84 2.56 -14.55
C PHE A 279 1.70 2.81 -13.04
N ASN A 280 2.57 3.67 -12.51
CA ASN A 280 2.57 4.01 -11.09
C ASN A 280 1.44 5.01 -10.81
N PHE A 281 0.80 4.88 -9.65
CA PHE A 281 -0.28 5.81 -9.26
C PHE A 281 0.34 6.98 -8.49
N GLU A 282 1.50 6.73 -7.89
CA GLU A 282 2.17 7.69 -7.01
C GLU A 282 3.41 8.40 -7.53
N GLY A 283 3.88 9.37 -6.75
CA GLY A 283 5.07 10.12 -7.12
C GLY A 283 6.14 9.99 -6.05
N GLY A 284 5.95 9.04 -5.15
CA GLY A 284 6.89 8.83 -4.08
C GLY A 284 6.85 7.43 -3.51
N CYS A 285 7.64 7.20 -2.46
CA CYS A 285 7.72 5.91 -1.81
C CYS A 285 7.49 6.08 -0.32
N TYR A 286 6.92 5.06 0.32
CA TYR A 286 6.61 5.11 1.74
C TYR A 286 7.25 3.88 2.36
N ALA A 287 8.52 4.03 2.74
CA ALA A 287 9.31 2.95 3.29
C ALA A 287 9.17 2.75 4.79
N LYS A 288 9.37 1.50 5.23
CA LYS A 288 9.30 1.16 6.64
C LYS A 288 10.72 1.33 7.17
N THR A 289 10.87 1.89 8.35
CA THR A 289 12.20 2.12 8.90
C THR A 289 12.68 1.36 10.15
N ILE A 290 11.86 0.53 10.79
CA ILE A 290 12.39 -0.17 11.96
C ILE A 290 13.53 -1.06 11.53
N LYS A 291 14.58 -1.06 12.35
CA LYS A 291 15.77 -1.89 12.10
C LYS A 291 16.45 -1.55 10.78
N LEU A 292 16.15 -0.39 10.21
CA LEU A 292 16.77 -0.03 8.93
C LEU A 292 18.27 0.05 9.12
N SER A 293 19.00 -0.58 8.21
CA SER A 293 20.46 -0.56 8.24
C SER A 293 20.94 -0.11 6.87
N LYS A 294 21.85 0.85 6.84
CA LYS A 294 22.38 1.34 5.56
C LYS A 294 23.11 0.27 4.76
N GLU A 295 23.64 -0.73 5.47
CA GLU A 295 24.36 -1.81 4.82
C GLU A 295 23.42 -2.69 4.00
N ALA A 296 22.29 -3.06 4.58
CA ALA A 296 21.30 -3.91 3.91
C ALA A 296 20.40 -3.18 2.92
N GLU A 297 20.08 -1.93 3.21
CA GLU A 297 19.23 -1.12 2.36
C GLU A 297 19.85 0.25 2.10
N PRO A 298 20.99 0.28 1.39
CA PRO A 298 21.67 1.55 1.09
C PRO A 298 20.84 2.57 0.31
N GLU A 299 20.12 2.12 -0.71
CA GLU A 299 19.30 3.01 -1.53
C GLU A 299 18.22 3.72 -0.71
N ILE A 300 17.53 2.96 0.14
CA ILE A 300 16.47 3.52 0.98
C ILE A 300 17.10 4.42 2.03
N TYR A 301 18.22 3.98 2.59
CA TYR A 301 18.90 4.77 3.60
C TYR A 301 19.30 6.14 3.05
N ASN A 302 19.88 6.15 1.84
CA ASN A 302 20.34 7.39 1.20
C ASN A 302 19.23 8.32 0.74
N ALA A 303 18.03 7.80 0.59
CA ALA A 303 16.89 8.62 0.19
C ALA A 303 16.42 9.46 1.38
N ILE A 304 16.86 9.11 2.59
CA ILE A 304 16.49 9.86 3.80
C ILE A 304 17.40 11.07 3.93
N ARG A 305 16.92 12.21 3.46
CA ARG A 305 17.67 13.45 3.49
C ARG A 305 16.64 14.56 3.38
N ARG A 306 17.10 15.80 3.24
CA ARG A 306 16.17 16.93 3.12
C ARG A 306 15.07 16.66 2.09
N ASP A 307 13.84 16.92 2.51
CA ASP A 307 12.60 16.76 1.72
C ASP A 307 11.90 15.42 2.00
N ALA A 308 12.61 14.51 2.66
CA ALA A 308 12.01 13.24 3.05
C ALA A 308 11.29 13.60 4.35
N LEU A 309 10.29 12.82 4.73
CA LEU A 309 9.53 13.09 5.94
C LEU A 309 9.45 11.83 6.79
N LEU A 310 10.21 11.81 7.88
CA LEU A 310 10.24 10.69 8.81
C LEU A 310 9.02 10.75 9.72
N GLU A 311 8.47 9.58 10.04
CA GLU A 311 7.29 9.47 10.88
C GLU A 311 7.50 8.56 12.08
N ASN A 312 7.28 9.11 13.26
CA ASN A 312 7.37 8.34 14.50
C ASN A 312 8.69 7.67 14.88
N VAL A 313 9.78 8.01 14.21
CA VAL A 313 11.09 7.44 14.53
C VAL A 313 11.64 8.14 15.78
N THR A 314 12.49 7.45 16.52
CA THR A 314 13.06 8.04 17.71
C THR A 314 14.29 8.90 17.42
N VAL A 315 14.17 10.19 17.68
CA VAL A 315 15.26 11.13 17.45
C VAL A 315 15.90 11.45 18.81
N ARG A 316 17.19 11.18 18.93
CA ARG A 316 17.91 11.47 20.17
C ARG A 316 18.21 12.96 20.28
N GLU A 317 18.68 13.38 21.46
CA GLU A 317 19.02 14.78 21.76
C GLU A 317 19.93 15.43 20.72
N ASP A 318 20.93 14.69 20.26
CA ASP A 318 21.87 15.19 19.25
C ASP A 318 21.30 15.14 17.83
N GLY A 319 20.00 14.89 17.71
CA GLY A 319 19.37 14.85 16.41
C GLY A 319 19.61 13.55 15.66
N THR A 320 20.33 12.60 16.25
CA THR A 320 20.58 11.34 15.57
C THR A 320 19.39 10.40 15.74
N ILE A 321 19.08 9.65 14.70
CA ILE A 321 17.96 8.74 14.72
C ILE A 321 18.31 7.34 15.21
N ASP A 322 17.39 6.75 15.96
CA ASP A 322 17.52 5.40 16.48
C ASP A 322 16.50 4.56 15.70
N PHE A 323 16.89 4.12 14.51
CA PHE A 323 16.00 3.31 13.64
C PHE A 323 15.55 1.98 14.25
N ASP A 324 16.31 1.49 15.23
CA ASP A 324 16.00 0.23 15.89
C ASP A 324 14.89 0.38 16.92
N ASP A 325 14.62 1.60 17.35
CA ASP A 325 13.62 1.84 18.37
C ASP A 325 12.18 1.81 17.89
N GLY A 326 11.45 0.80 18.37
CA GLY A 326 10.06 0.64 18.02
C GLY A 326 9.13 0.82 19.20
N SER A 327 9.53 1.60 20.20
CA SER A 327 8.69 1.82 21.37
C SER A 327 7.47 2.73 21.12
N LYS A 328 7.51 3.53 20.06
CA LYS A 328 6.40 4.37 19.70
C LYS A 328 5.50 3.49 18.82
N THR A 329 6.13 2.80 17.88
CA THR A 329 5.46 1.89 16.95
C THR A 329 6.50 1.17 16.12
N GLU A 330 6.16 -0.03 15.67
CA GLU A 330 7.06 -0.79 14.82
C GLU A 330 6.81 -0.31 13.39
N ASN A 331 5.74 0.45 13.20
CA ASN A 331 5.37 0.97 11.89
C ASN A 331 5.95 2.36 11.63
N THR A 332 7.23 2.51 11.91
CA THR A 332 7.94 3.77 11.68
C THR A 332 8.10 3.87 10.15
N ARG A 333 7.92 5.07 9.60
CA ARG A 333 7.99 5.26 8.16
C ARG A 333 8.75 6.50 7.78
N VAL A 334 8.96 6.63 6.47
CA VAL A 334 9.61 7.77 5.86
C VAL A 334 9.09 7.88 4.44
N SER A 335 8.64 9.07 4.04
CA SER A 335 8.18 9.26 2.68
C SER A 335 9.21 10.16 1.98
N TYR A 336 9.35 9.99 0.68
CA TYR A 336 10.26 10.80 -0.10
C TYR A 336 9.80 10.78 -1.53
N PRO A 337 10.04 11.89 -2.26
CA PRO A 337 9.61 11.89 -3.65
C PRO A 337 10.42 10.78 -4.34
N ILE A 338 9.84 10.17 -5.36
CA ILE A 338 10.49 9.06 -6.06
C ILE A 338 11.91 9.32 -6.55
N TYR A 339 12.20 10.57 -6.93
CA TYR A 339 13.54 10.91 -7.41
C TYR A 339 14.66 10.81 -6.38
N HIS A 340 14.32 10.50 -5.13
CA HIS A 340 15.36 10.34 -4.12
C HIS A 340 16.04 9.01 -4.34
N ILE A 341 15.48 8.20 -5.24
CA ILE A 341 16.07 6.92 -5.62
C ILE A 341 16.71 7.23 -6.97
N ASP A 342 17.98 6.91 -7.13
CA ASP A 342 18.67 7.21 -8.38
C ASP A 342 18.22 6.46 -9.61
N ASN A 343 18.15 5.14 -9.53
CA ASN A 343 17.75 4.33 -10.69
C ASN A 343 16.24 4.15 -10.80
N ILE A 344 15.57 5.12 -11.42
CA ILE A 344 14.14 5.06 -11.59
C ILE A 344 13.77 5.38 -13.03
N VAL A 345 12.54 5.05 -13.40
CA VAL A 345 12.03 5.35 -14.71
C VAL A 345 11.55 6.80 -14.65
N LYS A 346 11.93 7.59 -15.64
CA LYS A 346 11.51 8.98 -15.70
C LYS A 346 11.62 9.50 -17.12
N PRO A 347 10.94 10.63 -17.43
CA PRO A 347 10.11 11.45 -16.54
C PRO A 347 8.75 10.90 -16.06
N VAL A 348 8.20 9.88 -16.72
CA VAL A 348 6.91 9.33 -16.29
C VAL A 348 7.07 7.89 -15.78
N SER A 349 6.51 7.63 -14.61
CA SER A 349 6.59 6.32 -13.98
C SER A 349 5.70 5.27 -14.64
N LYS A 350 6.14 4.76 -15.78
CA LYS A 350 5.40 3.72 -16.49
C LYS A 350 6.33 2.87 -17.34
N ALA A 351 5.87 1.68 -17.71
CA ALA A 351 6.65 0.78 -18.54
C ALA A 351 5.72 -0.18 -19.28
N GLY A 352 6.29 -1.19 -19.93
CA GLY A 352 5.49 -2.12 -20.69
C GLY A 352 4.72 -3.13 -19.85
N HIS A 353 4.22 -4.18 -20.50
CA HIS A 353 3.45 -5.20 -19.82
C HIS A 353 4.36 -6.08 -18.97
N ALA A 354 3.86 -6.46 -17.80
CA ALA A 354 4.59 -7.30 -16.87
C ALA A 354 4.63 -8.75 -17.36
N THR A 355 5.81 -9.35 -17.36
CA THR A 355 5.95 -10.74 -17.77
C THR A 355 6.27 -11.65 -16.60
N LYS A 356 6.56 -11.04 -15.46
CA LYS A 356 6.88 -11.76 -14.25
C LYS A 356 5.96 -11.23 -13.15
N VAL A 357 5.16 -12.12 -12.55
CA VAL A 357 4.26 -11.73 -11.46
C VAL A 357 4.65 -12.51 -10.22
N ILE A 358 5.16 -11.81 -9.21
CA ILE A 358 5.60 -12.41 -7.98
C ILE A 358 4.65 -12.09 -6.84
N PHE A 359 4.20 -13.13 -6.13
CA PHE A 359 3.32 -12.96 -4.98
C PHE A 359 4.22 -13.16 -3.77
N LEU A 360 4.33 -12.12 -2.94
CA LEU A 360 5.17 -12.21 -1.76
C LEU A 360 4.30 -12.58 -0.57
N THR A 361 4.74 -13.57 0.20
CA THR A 361 4.01 -13.98 1.38
C THR A 361 4.98 -14.12 2.54
N ALA A 362 4.64 -13.51 3.67
CA ALA A 362 5.46 -13.63 4.86
C ALA A 362 4.79 -14.75 5.67
N ASP A 363 5.21 -15.98 5.43
CA ASP A 363 4.61 -17.13 6.12
C ASP A 363 5.12 -17.33 7.52
N ALA A 364 4.27 -17.01 8.49
CA ALA A 364 4.61 -17.15 9.91
C ALA A 364 4.70 -18.62 10.32
N PHE A 365 3.95 -19.49 9.64
CA PHE A 365 3.97 -20.92 9.96
C PHE A 365 5.27 -21.62 9.59
N GLY A 366 6.07 -21.04 8.69
CA GLY A 366 7.32 -21.66 8.30
C GLY A 366 7.07 -22.96 7.55
N VAL A 367 6.04 -22.92 6.69
CA VAL A 367 5.62 -24.06 5.89
C VAL A 367 5.88 -23.94 4.38
N LEU A 368 5.58 -22.78 3.80
CA LEU A 368 5.73 -22.54 2.37
C LEU A 368 7.19 -22.45 1.95
N PRO A 369 7.52 -22.93 0.73
CA PRO A 369 8.90 -22.87 0.25
C PRO A 369 9.34 -21.46 -0.10
N PRO A 370 10.67 -21.22 -0.12
CA PRO A 370 11.22 -19.90 -0.45
C PRO A 370 10.69 -19.40 -1.80
N VAL A 371 10.52 -20.31 -2.75
CA VAL A 371 10.00 -19.95 -4.06
C VAL A 371 9.32 -21.12 -4.79
N SER A 372 8.25 -20.81 -5.51
CA SER A 372 7.49 -21.82 -6.26
C SER A 372 7.02 -21.22 -7.57
N ARG A 373 6.97 -22.06 -8.60
CA ARG A 373 6.49 -21.66 -9.91
C ARG A 373 5.01 -22.10 -9.91
N LEU A 374 4.10 -21.13 -10.02
CA LEU A 374 2.66 -21.39 -9.99
C LEU A 374 2.04 -21.72 -11.35
N THR A 375 1.02 -22.57 -11.33
CA THR A 375 0.31 -22.93 -12.54
C THR A 375 -0.76 -21.84 -12.66
N ALA A 376 -1.37 -21.72 -13.83
CA ALA A 376 -2.38 -20.69 -14.06
C ALA A 376 -3.52 -20.73 -13.04
N ASP A 377 -3.94 -21.93 -12.65
CA ASP A 377 -5.03 -22.06 -11.68
C ASP A 377 -4.58 -21.68 -10.27
N GLN A 378 -3.36 -22.08 -9.92
CA GLN A 378 -2.80 -21.80 -8.60
C GLN A 378 -2.61 -20.30 -8.46
N THR A 379 -2.35 -19.63 -9.58
CA THR A 379 -2.18 -18.19 -9.62
C THR A 379 -3.47 -17.56 -9.11
N GLN A 380 -4.59 -17.94 -9.74
CA GLN A 380 -5.90 -17.42 -9.35
C GLN A 380 -6.23 -17.79 -7.92
N TYR A 381 -6.00 -19.04 -7.55
CA TYR A 381 -6.27 -19.49 -6.20
C TYR A 381 -5.50 -18.70 -5.14
N HIS A 382 -4.20 -18.56 -5.33
CA HIS A 382 -3.38 -17.84 -4.36
C HIS A 382 -3.59 -16.34 -4.34
N PHE A 383 -4.00 -15.78 -5.46
CA PHE A 383 -4.26 -14.35 -5.55
C PHE A 383 -5.50 -14.06 -4.70
N LEU A 384 -6.54 -14.86 -4.88
CA LEU A 384 -7.79 -14.70 -4.15
C LEU A 384 -7.61 -15.00 -2.66
N SER A 385 -6.78 -15.99 -2.34
CA SER A 385 -6.52 -16.35 -0.94
C SER A 385 -5.73 -15.25 -0.24
N GLY A 386 -4.72 -14.72 -0.93
CA GLY A 386 -3.89 -13.66 -0.39
C GLY A 386 -3.34 -13.96 0.97
N PHE A 387 -2.75 -15.13 1.15
CA PHE A 387 -2.18 -15.49 2.44
C PHE A 387 -0.86 -14.80 2.65
N THR A 388 -0.70 -14.23 3.83
CA THR A 388 0.51 -13.51 4.17
C THR A 388 0.38 -13.19 5.65
N ALA A 389 1.18 -12.23 6.12
CA ALA A 389 1.12 -11.83 7.52
C ALA A 389 0.90 -10.34 7.64
N LYS A 390 0.06 -9.97 8.60
CA LYS A 390 -0.18 -8.57 8.86
C LYS A 390 0.92 -8.16 9.82
N LEU A 391 2.10 -7.89 9.27
CA LEU A 391 3.26 -7.49 10.04
C LEU A 391 3.37 -5.98 10.15
N ALA A 392 2.40 -5.28 9.56
CA ALA A 392 2.38 -3.83 9.59
C ALA A 392 0.99 -3.29 9.25
N GLY A 393 0.91 -1.98 9.07
CA GLY A 393 -0.36 -1.37 8.75
C GLY A 393 -0.85 -0.56 9.94
N THR A 394 -0.12 -0.65 11.04
CA THR A 394 -0.48 0.10 12.24
C THR A 394 0.44 -0.21 13.39
N GLU A 395 1.28 -1.23 13.20
CA GLU A 395 2.21 -1.64 14.22
C GLU A 395 2.26 -3.16 14.23
N ARG A 396 3.17 -3.72 13.45
CA ARG A 396 3.30 -5.16 13.40
C ARG A 396 4.61 -5.61 14.04
N GLY A 397 5.50 -6.16 13.20
CA GLY A 397 6.82 -6.66 13.60
C GLY A 397 7.14 -6.96 15.06
N ILE A 398 6.15 -7.35 15.84
CA ILE A 398 6.34 -7.65 17.24
C ILE A 398 5.02 -7.69 17.99
N THR A 399 3.99 -7.09 17.39
CA THR A 399 2.64 -7.06 17.95
C THR A 399 1.86 -8.07 17.09
N GLU A 400 2.52 -8.48 16.02
CA GLU A 400 2.05 -9.46 15.06
C GLU A 400 3.34 -10.28 14.90
N PRO A 401 3.57 -10.98 13.75
CA PRO A 401 2.85 -11.18 12.50
C PRO A 401 1.56 -11.92 12.75
N THR A 402 0.47 -11.38 12.20
CA THR A 402 -0.82 -11.99 12.36
C THR A 402 -1.16 -12.71 11.06
N PRO A 403 -1.24 -14.06 11.08
CA PRO A 403 -1.56 -14.82 9.86
C PRO A 403 -2.89 -14.29 9.32
N THR A 404 -2.93 -13.98 8.05
CA THR A 404 -4.14 -13.44 7.47
C THR A 404 -4.32 -13.83 6.02
N PHE A 405 -5.58 -13.85 5.62
CA PHE A 405 -5.94 -14.13 4.25
C PHE A 405 -6.54 -12.83 3.77
N SER A 406 -5.74 -12.07 3.03
CA SER A 406 -6.18 -10.80 2.51
C SER A 406 -6.33 -10.90 1.00
N ALA A 407 -7.58 -11.08 0.56
CA ALA A 407 -7.91 -11.21 -0.85
C ALA A 407 -7.15 -10.23 -1.75
N CYS A 408 -6.56 -10.75 -2.82
CA CYS A 408 -5.81 -9.95 -3.79
C CYS A 408 -4.58 -9.25 -3.19
N PHE A 409 -4.15 -9.72 -2.01
CA PHE A 409 -3.02 -9.15 -1.28
C PHE A 409 -3.26 -7.67 -0.92
N GLY A 410 -4.52 -7.31 -0.67
CA GLY A 410 -4.84 -5.95 -0.28
C GLY A 410 -6.33 -5.74 -0.05
N ALA A 411 -6.94 -6.65 0.72
CA ALA A 411 -8.38 -6.60 0.98
C ALA A 411 -8.87 -5.28 1.59
N ALA A 412 -8.04 -4.68 2.43
CA ALA A 412 -8.34 -3.43 3.12
C ALA A 412 -8.58 -2.24 2.17
N PHE A 413 -8.22 -2.38 0.90
CA PHE A 413 -8.37 -1.29 -0.09
C PHE A 413 -9.25 -1.64 -1.28
N LEU A 414 -9.85 -2.82 -1.26
CA LEU A 414 -10.73 -3.27 -2.33
C LEU A 414 -12.09 -2.63 -2.17
N SER A 415 -12.63 -2.09 -3.28
CA SER A 415 -13.94 -1.45 -3.28
C SER A 415 -14.94 -2.29 -4.05
N LEU A 416 -14.43 -3.26 -4.79
CA LEU A 416 -15.23 -4.16 -5.60
C LEU A 416 -14.97 -5.58 -5.09
N HIS A 417 -15.73 -6.55 -5.58
CA HIS A 417 -15.54 -7.94 -5.13
C HIS A 417 -14.18 -8.48 -5.58
N PRO A 418 -13.49 -9.27 -4.74
CA PRO A 418 -12.17 -9.84 -5.08
C PRO A 418 -12.10 -10.50 -6.46
N THR A 419 -13.17 -11.15 -6.90
CA THR A 419 -13.16 -11.82 -8.21
C THR A 419 -13.03 -10.83 -9.37
N GLN A 420 -13.51 -9.60 -9.18
CA GLN A 420 -13.45 -8.57 -10.20
C GLN A 420 -11.98 -8.18 -10.45
N TYR A 421 -11.18 -8.15 -9.39
CA TYR A 421 -9.77 -7.81 -9.54
C TYR A 421 -9.04 -8.98 -10.15
N ALA A 422 -9.42 -10.18 -9.73
CA ALA A 422 -8.79 -11.40 -10.24
C ALA A 422 -8.98 -11.56 -11.75
N GLU A 423 -10.18 -11.32 -12.24
CA GLU A 423 -10.43 -11.49 -13.66
C GLU A 423 -9.67 -10.52 -14.55
N VAL A 424 -9.66 -9.24 -14.21
CA VAL A 424 -8.94 -8.27 -15.02
C VAL A 424 -7.43 -8.55 -15.00
N LEU A 425 -6.91 -8.98 -13.85
CA LEU A 425 -5.49 -9.30 -13.69
C LEU A 425 -5.16 -10.51 -14.57
N VAL A 426 -5.99 -11.54 -14.50
CA VAL A 426 -5.78 -12.76 -15.31
C VAL A 426 -5.83 -12.41 -16.80
N LYS A 427 -6.68 -11.46 -17.16
CA LYS A 427 -6.83 -11.02 -18.55
C LYS A 427 -5.52 -10.38 -19.04
N ARG A 428 -4.94 -9.51 -18.21
CA ARG A 428 -3.70 -8.84 -18.53
C ARG A 428 -2.51 -9.81 -18.58
N MET A 429 -2.48 -10.75 -17.65
CA MET A 429 -1.41 -11.75 -17.63
C MET A 429 -1.43 -12.64 -18.87
N GLN A 430 -2.61 -13.04 -19.29
CA GLN A 430 -2.75 -13.90 -20.47
C GLN A 430 -2.27 -13.24 -21.75
N ALA A 431 -2.72 -12.01 -21.97
CA ALA A 431 -2.34 -11.27 -23.15
C ALA A 431 -0.81 -11.09 -23.25
N ALA A 432 -0.12 -11.04 -22.12
CA ALA A 432 1.32 -10.84 -22.11
C ALA A 432 2.15 -12.11 -21.92
N GLY A 433 1.48 -13.24 -21.69
CA GLY A 433 2.20 -14.49 -21.47
C GLY A 433 3.04 -14.42 -20.20
N ALA A 434 2.47 -13.79 -19.16
CA ALA A 434 3.16 -13.61 -17.89
C ALA A 434 3.12 -14.88 -17.04
N GLN A 435 4.19 -15.11 -16.30
CA GLN A 435 4.27 -16.27 -15.41
C GLN A 435 4.21 -15.76 -13.96
N ALA A 436 3.64 -16.56 -13.07
CA ALA A 436 3.51 -16.19 -11.67
C ALA A 436 4.34 -17.08 -10.77
N TYR A 437 4.86 -16.51 -9.69
CA TYR A 437 5.69 -17.21 -8.72
C TYR A 437 5.26 -16.80 -7.33
N LEU A 438 5.44 -17.71 -6.38
CA LEU A 438 5.08 -17.47 -4.99
C LEU A 438 6.39 -17.48 -4.23
N VAL A 439 6.64 -16.40 -3.50
CA VAL A 439 7.88 -16.25 -2.76
C VAL A 439 7.62 -16.03 -1.26
N ASN A 440 8.24 -16.87 -0.44
CA ASN A 440 8.09 -16.76 1.02
C ASN A 440 9.20 -15.88 1.61
N THR A 441 8.85 -14.62 1.93
CA THR A 441 9.80 -13.69 2.53
C THR A 441 9.72 -13.82 4.05
N GLY A 442 8.93 -14.79 4.50
CA GLY A 442 8.76 -15.00 5.92
C GLY A 442 9.71 -15.95 6.59
N TRP A 443 9.12 -16.86 7.37
CA TRP A 443 9.89 -17.79 8.15
C TRP A 443 9.93 -19.22 7.65
N ASN A 444 10.87 -19.97 8.19
CA ASN A 444 11.01 -21.39 7.89
C ASN A 444 11.26 -22.10 9.22
N GLY A 445 11.69 -23.35 9.17
CA GLY A 445 11.92 -24.12 10.37
C GLY A 445 12.88 -23.60 11.43
N THR A 446 13.70 -22.61 11.09
CA THR A 446 14.67 -22.05 12.03
C THR A 446 14.08 -21.04 13.02
N GLY A 447 12.85 -20.60 12.76
CA GLY A 447 12.21 -19.63 13.62
C GLY A 447 12.73 -18.23 13.36
N LYS A 448 13.44 -18.08 12.24
CA LYS A 448 14.01 -16.81 11.82
C LYS A 448 13.51 -16.52 10.41
N ARG A 449 13.44 -15.25 10.04
CA ARG A 449 13.01 -14.90 8.69
C ARG A 449 14.10 -15.25 7.70
N ILE A 450 13.68 -15.58 6.49
CA ILE A 450 14.61 -15.90 5.43
C ILE A 450 15.41 -14.62 5.20
N SER A 451 16.72 -14.76 5.14
CA SER A 451 17.62 -13.62 4.95
C SER A 451 17.33 -12.80 3.68
N ILE A 452 17.50 -11.49 3.77
CA ILE A 452 17.29 -10.60 2.62
C ILE A 452 18.19 -11.02 1.44
N LYS A 453 19.38 -11.53 1.76
CA LYS A 453 20.34 -11.99 0.76
C LYS A 453 19.83 -13.19 -0.04
N ASP A 454 19.28 -14.18 0.65
CA ASP A 454 18.74 -15.35 -0.03
C ASP A 454 17.52 -14.96 -0.85
N THR A 455 16.72 -14.04 -0.31
CA THR A 455 15.54 -13.60 -1.02
C THR A 455 15.92 -12.85 -2.30
N ARG A 456 16.93 -11.97 -2.21
CA ARG A 456 17.37 -11.21 -3.39
C ARG A 456 17.90 -12.15 -4.47
N ALA A 457 18.62 -13.19 -4.06
CA ALA A 457 19.16 -14.16 -5.01
C ALA A 457 18.02 -14.89 -5.71
N ILE A 458 16.95 -15.15 -4.96
CA ILE A 458 15.77 -15.82 -5.52
C ILE A 458 15.09 -14.91 -6.54
N ILE A 459 14.92 -13.65 -6.19
CA ILE A 459 14.29 -12.71 -7.11
C ILE A 459 15.11 -12.66 -8.40
N ASP A 460 16.44 -12.62 -8.27
CA ASP A 460 17.33 -12.60 -9.42
C ASP A 460 17.14 -13.82 -10.30
N ALA A 461 17.08 -15.00 -9.68
CA ALA A 461 16.89 -16.26 -10.37
C ALA A 461 15.59 -16.25 -11.18
N ILE A 462 14.55 -15.65 -10.60
CA ILE A 462 13.26 -15.53 -11.26
C ILE A 462 13.37 -14.58 -12.45
N LEU A 463 13.95 -13.41 -12.23
CA LEU A 463 14.09 -12.42 -13.29
C LEU A 463 14.99 -12.85 -14.46
N ASN A 464 16.04 -13.60 -14.16
CA ASN A 464 16.96 -14.06 -15.21
C ASN A 464 16.60 -15.40 -15.83
N GLY A 465 15.45 -15.95 -15.45
CA GLY A 465 15.00 -17.20 -16.04
C GLY A 465 15.68 -18.48 -15.60
N SER A 466 16.64 -18.41 -14.70
CA SER A 466 17.30 -19.62 -14.25
C SER A 466 16.29 -20.51 -13.51
N LEU A 467 15.27 -19.89 -12.92
CA LEU A 467 14.25 -20.64 -12.19
C LEU A 467 13.35 -21.43 -13.15
N ASP A 468 13.01 -20.81 -14.28
CA ASP A 468 12.14 -21.45 -15.26
C ASP A 468 12.76 -22.64 -15.97
N ASN A 469 14.09 -22.71 -15.96
CA ASN A 469 14.78 -23.80 -16.62
C ASN A 469 15.41 -24.77 -15.62
N ALA A 470 14.96 -24.71 -14.37
CA ALA A 470 15.49 -25.59 -13.34
C ALA A 470 14.59 -26.82 -13.19
N GLU A 471 15.19 -27.93 -12.77
CA GLU A 471 14.43 -29.15 -12.55
C GLU A 471 13.66 -28.89 -11.27
N THR A 472 12.41 -29.34 -11.21
CA THR A 472 11.59 -29.13 -10.04
C THR A 472 10.88 -30.40 -9.62
N PHE A 473 10.45 -30.44 -8.36
CA PHE A 473 9.69 -31.57 -7.83
C PHE A 473 8.50 -30.96 -7.12
N THR A 474 7.47 -31.77 -6.89
CA THR A 474 6.25 -31.27 -6.27
C THR A 474 6.20 -31.38 -4.75
N LEU A 475 5.92 -30.27 -4.09
CA LEU A 475 5.79 -30.30 -2.64
C LEU A 475 4.40 -30.87 -2.33
N PRO A 476 4.32 -31.96 -1.54
CA PRO A 476 3.03 -32.57 -1.18
C PRO A 476 2.04 -31.62 -0.49
N MET A 477 0.75 -31.96 -0.59
CA MET A 477 -0.36 -31.18 -0.03
C MET A 477 -0.61 -29.86 -0.75
N PHE A 478 0.39 -28.99 -0.76
CA PHE A 478 0.24 -27.70 -1.45
C PHE A 478 0.45 -27.84 -2.96
N ASN A 479 1.12 -28.91 -3.37
CA ASN A 479 1.37 -29.21 -4.78
C ASN A 479 2.05 -28.08 -5.54
N LEU A 480 3.04 -27.49 -4.87
CA LEU A 480 3.82 -26.40 -5.40
C LEU A 480 5.08 -26.97 -6.00
N ALA A 481 5.40 -26.53 -7.20
CA ALA A 481 6.59 -26.96 -7.90
C ALA A 481 7.76 -26.13 -7.39
N ILE A 482 8.72 -26.79 -6.75
CA ILE A 482 9.89 -26.09 -6.21
C ILE A 482 11.16 -26.57 -6.94
N PRO A 483 12.11 -25.65 -7.22
CA PRO A 483 13.34 -26.01 -7.91
C PRO A 483 14.23 -26.94 -7.11
N THR A 484 14.96 -27.79 -7.82
CA THR A 484 15.85 -28.75 -7.20
C THR A 484 17.11 -28.05 -6.68
N GLU A 485 17.53 -26.98 -7.36
CA GLU A 485 18.69 -26.19 -6.97
C GLU A 485 18.61 -24.83 -7.68
N LEU A 486 19.27 -23.84 -7.11
CA LEU A 486 19.24 -22.51 -7.69
C LEU A 486 20.58 -21.81 -7.50
N PRO A 487 21.07 -21.12 -8.55
CA PRO A 487 22.34 -20.40 -8.48
C PRO A 487 22.32 -19.24 -7.50
N GLY A 488 23.26 -19.24 -6.56
CA GLY A 488 23.35 -18.19 -5.57
C GLY A 488 22.58 -18.43 -4.28
N VAL A 489 21.68 -19.41 -4.29
CA VAL A 489 20.87 -19.74 -3.14
C VAL A 489 21.38 -21.01 -2.46
N ASP A 490 21.23 -21.07 -1.15
CA ASP A 490 21.62 -22.24 -0.38
C ASP A 490 20.56 -23.31 -0.67
N THR A 491 20.98 -24.41 -1.27
CA THR A 491 20.09 -25.52 -1.63
C THR A 491 19.25 -26.05 -0.47
N LYS A 492 19.81 -26.00 0.73
CA LYS A 492 19.13 -26.50 1.91
C LYS A 492 17.75 -25.89 2.15
N ILE A 493 17.60 -24.59 1.96
CA ILE A 493 16.35 -23.90 2.21
C ILE A 493 15.24 -24.08 1.18
N LEU A 494 15.61 -24.49 -0.03
CA LEU A 494 14.65 -24.66 -1.11
C LEU A 494 13.47 -25.57 -0.75
N ASP A 495 13.73 -26.55 0.09
CA ASP A 495 12.69 -27.47 0.55
C ASP A 495 12.47 -27.10 2.01
N PRO A 496 11.28 -26.56 2.33
CA PRO A 496 10.93 -26.15 3.69
C PRO A 496 11.03 -27.23 4.77
N ARG A 497 10.95 -28.50 4.35
CA ARG A 497 11.04 -29.62 5.29
C ARG A 497 12.46 -29.78 5.85
N ASN A 498 13.46 -29.35 5.08
CA ASN A 498 14.86 -29.46 5.50
C ASN A 498 15.24 -28.59 6.67
N THR A 499 14.52 -27.48 6.88
CA THR A 499 14.82 -26.59 7.98
C THR A 499 14.23 -27.09 9.28
N TYR A 500 13.70 -28.30 9.24
CA TYR A 500 13.11 -28.94 10.40
C TYR A 500 13.96 -30.16 10.73
N ALA A 501 14.14 -30.42 12.02
CA ALA A 501 14.91 -31.57 12.47
C ALA A 501 14.20 -32.85 12.01
N SER A 502 12.92 -32.72 11.72
CA SER A 502 12.10 -33.84 11.28
C SER A 502 11.06 -33.31 10.30
N PRO A 503 10.94 -33.93 9.11
CA PRO A 503 9.95 -33.45 8.15
C PRO A 503 8.54 -33.70 8.69
N GLU A 504 8.45 -34.56 9.70
CA GLU A 504 7.18 -34.87 10.35
C GLU A 504 6.69 -33.61 11.06
N GLN A 505 7.63 -32.82 11.59
CA GLN A 505 7.29 -31.56 12.25
C GLN A 505 6.67 -30.65 11.21
N TRP A 506 7.25 -30.66 10.01
CA TRP A 506 6.73 -29.85 8.91
C TRP A 506 5.31 -30.30 8.57
N GLN A 507 5.12 -31.62 8.45
CA GLN A 507 3.81 -32.23 8.14
C GLN A 507 2.69 -31.68 9.01
N GLU A 508 2.95 -31.65 10.31
CA GLU A 508 2.00 -31.18 11.32
C GLU A 508 1.51 -29.78 11.00
N LYS A 509 2.45 -28.85 10.89
CA LYS A 509 2.16 -27.45 10.58
C LYS A 509 1.55 -27.26 9.20
N ALA A 510 2.03 -28.03 8.24
CA ALA A 510 1.54 -27.96 6.86
C ALA A 510 0.07 -28.37 6.78
N GLU A 511 -0.33 -29.36 7.58
CA GLU A 511 -1.72 -29.81 7.59
C GLU A 511 -2.61 -28.74 8.22
N THR A 512 -2.11 -28.08 9.25
CA THR A 512 -2.85 -27.02 9.92
C THR A 512 -3.05 -25.86 8.95
N LEU A 513 -1.99 -25.46 8.27
CA LEU A 513 -2.07 -24.36 7.31
C LEU A 513 -3.00 -24.70 6.15
N ALA A 514 -2.88 -25.92 5.61
CA ALA A 514 -3.72 -26.33 4.50
C ALA A 514 -5.19 -26.23 4.88
N LYS A 515 -5.55 -26.64 6.09
CA LYS A 515 -6.94 -26.56 6.55
C LYS A 515 -7.45 -25.13 6.58
N LEU A 516 -6.59 -24.20 7.02
CA LEU A 516 -6.95 -22.78 7.06
C LEU A 516 -7.24 -22.27 5.65
N PHE A 517 -6.42 -22.70 4.70
CA PHE A 517 -6.60 -22.33 3.30
C PHE A 517 -7.95 -22.87 2.79
N ILE A 518 -8.23 -24.13 3.03
CA ILE A 518 -9.48 -24.73 2.57
C ILE A 518 -10.70 -24.01 3.19
N ASP A 519 -10.58 -23.70 4.47
CA ASP A 519 -11.63 -22.99 5.20
C ASP A 519 -11.88 -21.59 4.60
N ASN A 520 -10.81 -20.84 4.39
CA ASN A 520 -10.91 -19.50 3.83
C ASN A 520 -11.46 -19.45 2.41
N PHE A 521 -11.06 -20.38 1.58
CA PHE A 521 -11.50 -20.40 0.21
C PHE A 521 -12.97 -20.77 -0.03
N ASP A 522 -13.58 -21.49 0.90
CA ASP A 522 -14.98 -21.90 0.74
C ASP A 522 -15.95 -20.77 0.42
N LYS A 523 -15.57 -19.54 0.76
CA LYS A 523 -16.43 -18.41 0.49
C LYS A 523 -16.41 -17.98 -0.98
N TYR A 524 -15.60 -18.64 -1.80
CA TYR A 524 -15.51 -18.33 -3.22
C TYR A 524 -16.09 -19.47 -4.07
N THR A 525 -16.42 -20.58 -3.42
CA THR A 525 -16.94 -21.75 -4.11
C THR A 525 -18.36 -21.58 -4.66
N ASP A 526 -18.94 -20.40 -4.47
CA ASP A 526 -20.29 -20.11 -4.93
C ASP A 526 -20.47 -20.17 -6.44
N THR A 527 -19.49 -19.65 -7.18
CA THR A 527 -19.57 -19.67 -8.64
C THR A 527 -18.88 -20.94 -9.16
N PRO A 528 -19.22 -21.38 -10.38
CA PRO A 528 -18.60 -22.57 -10.98
C PRO A 528 -17.09 -22.41 -11.03
N ALA A 529 -16.65 -21.18 -11.23
CA ALA A 529 -15.23 -20.83 -11.29
C ALA A 529 -14.55 -21.06 -9.96
N GLY A 530 -15.06 -20.43 -8.91
CA GLY A 530 -14.49 -20.59 -7.59
C GLY A 530 -14.48 -22.06 -7.21
N ALA A 531 -15.58 -22.75 -7.48
CA ALA A 531 -15.71 -24.17 -7.18
C ALA A 531 -14.63 -25.00 -7.89
N ALA A 532 -14.34 -24.65 -9.14
CA ALA A 532 -13.33 -25.36 -9.93
C ALA A 532 -11.90 -25.06 -9.43
N LEU A 533 -11.69 -23.87 -8.87
CA LEU A 533 -10.37 -23.48 -8.38
C LEU A 533 -9.96 -24.24 -7.14
N VAL A 534 -10.92 -24.87 -6.46
CA VAL A 534 -10.63 -25.62 -5.26
C VAL A 534 -9.60 -26.72 -5.51
N ALA A 535 -9.62 -27.25 -6.72
CA ALA A 535 -8.67 -28.30 -7.11
C ALA A 535 -7.22 -27.79 -7.13
N ALA A 536 -7.04 -26.48 -7.29
CA ALA A 536 -5.71 -25.87 -7.32
C ALA A 536 -5.17 -25.55 -5.93
N GLY A 537 -6.02 -25.63 -4.91
CA GLY A 537 -5.60 -25.34 -3.56
C GLY A 537 -5.02 -26.57 -2.87
N PRO A 538 -4.65 -26.44 -1.59
CA PRO A 538 -4.09 -27.57 -0.83
C PRO A 538 -5.06 -28.74 -0.75
N LYS A 539 -4.52 -29.94 -0.58
CA LYS A 539 -5.32 -31.13 -0.46
C LYS A 539 -4.67 -31.97 0.62
N LEU A 540 -5.45 -32.35 1.62
CA LEU A 540 -4.95 -33.14 2.74
C LEU A 540 -4.89 -34.64 2.39
MG MG B . 6.30 0.12 0.75
CA CA C . 0.98 -0.69 0.71
PG ATP D . 3.75 -1.85 2.62
O1G ATP D . 2.62 -2.34 1.80
O2G ATP D . 3.44 -1.58 4.03
O3G ATP D . 4.51 -0.76 1.97
PB ATP D . 5.96 -3.64 1.80
O1B ATP D . 5.54 -4.90 1.15
O2B ATP D . 6.54 -2.60 0.92
O3B ATP D . 4.81 -3.12 2.85
PA ATP D . 8.56 -3.49 2.83
O1A ATP D . 9.23 -4.05 1.64
O2A ATP D . 8.59 -2.04 3.10
O3A ATP D . 7.01 -4.03 2.92
O5' ATP D . 9.06 -4.20 4.15
C5' ATP D . 9.53 -5.51 4.37
C4' ATP D . 10.19 -5.48 5.72
O4' ATP D . 10.69 -6.79 6.06
C3' ATP D . 11.40 -4.50 5.74
O3' ATP D . 11.43 -3.83 7.02
C2' ATP D . 12.58 -5.48 5.57
O2' ATP D . 13.80 -4.99 6.16
C1' ATP D . 12.10 -6.74 6.28
N9 ATP D . 12.65 -8.02 5.76
C8 ATP D . 13.39 -8.92 6.48
N7 ATP D . 13.76 -9.98 5.79
C5 ATP D . 13.25 -9.75 4.52
C6 ATP D . 13.29 -10.51 3.33
N6 ATP D . 13.91 -11.69 3.25
N1 ATP D . 12.67 -10.00 2.23
C2 ATP D . 12.05 -8.83 2.33
N3 ATP D . 11.93 -8.02 3.39
C4 ATP D . 12.57 -8.56 4.48
C PYR E . -0.38 0.19 4.77
O PYR E . -0.19 -0.30 3.58
OXT PYR E . -0.60 -0.59 5.75
CA PYR E . -0.34 1.56 4.97
O3 PYR E . -0.11 2.56 4.04
CB PYR E . -0.55 2.43 6.37
#